data_6T2D
#
_entry.id   6T2D
#
_cell.length_a   41.017
_cell.length_b   41.017
_cell.length_c   104.995
_cell.angle_alpha   90.000
_cell.angle_beta   90.000
_cell.angle_gamma   120.000
#
_symmetry.space_group_name_H-M   'P 31 2 1'
#
loop_
_entity.id
_entity.type
_entity.pdbx_description
1 polymer 'E3 ubiquitin-protein ligase Mdm2'
2 polymer 'Stapled peptide GAR300-Gp'
3 non-polymer '4-(2-HYDROXYETHYL)-1-PIPERAZINE ETHANESULFONIC ACID'
4 non-polymer 'DIMETHYL SULFOXIDE'
5 non-polymer 2-(methylamino)-~{N}-[[4-[[2-(methylamino)ethanoylamino]methyl]phenyl]methyl]ethanamide
6 water water
#
loop_
_entity_poly.entity_id
_entity_poly.type
_entity_poly.pdbx_seq_one_letter_code
_entity_poly.pdbx_strand_id
1 'polypeptide(L)'
;METLVRPKPELLKLLKSVGAQKDTYTMKEVLFYLGQYIMTKRLYDEKQQHIVYCSNDLLGDLFGVPSFSVKEHRKIYTMI
YRNLVV
;
A
2 'polypeptide(L)' LTFEQYWAQLESAA B
#
# COMPACT_ATOMS: atom_id res chain seq x y z
N GLU A 2 8.08 -6.21 -18.05
CA GLU A 2 6.91 -5.65 -17.22
C GLU A 2 6.96 -4.13 -17.29
N THR A 3 5.79 -3.47 -17.37
CA THR A 3 5.67 -1.97 -17.47
C THR A 3 6.19 -1.27 -16.19
N LEU A 4 6.89 -0.12 -16.35
CA LEU A 4 7.40 0.75 -15.20
C LEU A 4 6.47 1.95 -15.01
N VAL A 5 6.13 2.28 -13.74
CA VAL A 5 5.30 3.47 -13.32
C VAL A 5 6.13 4.42 -12.44
N ARG A 6 5.70 5.70 -12.35
CA ARG A 6 6.43 6.79 -11.62
C ARG A 6 5.62 7.35 -10.43
N PRO A 7 5.93 7.01 -9.14
CA PRO A 7 5.28 7.69 -7.99
C PRO A 7 5.48 9.22 -7.91
N LYS A 8 4.40 9.96 -7.52
CA LYS A 8 4.44 11.42 -7.09
C LYS A 8 5.34 11.55 -5.85
N PRO A 9 5.87 12.77 -5.52
CA PRO A 9 6.85 12.93 -4.44
C PRO A 9 6.44 12.41 -3.05
N GLU A 10 5.18 12.56 -2.61
CA GLU A 10 4.81 12.06 -1.24
C GLU A 10 4.81 10.52 -1.21
N LEU A 11 4.21 9.84 -2.22
CA LEU A 11 4.20 8.32 -2.25
C LEU A 11 5.67 7.80 -2.33
N LEU A 12 6.53 8.44 -3.14
CA LEU A 12 7.98 8.08 -3.21
C LEU A 12 8.64 8.05 -1.82
N LYS A 13 8.48 9.10 -1.01
CA LYS A 13 9.07 9.20 0.34
C LYS A 13 8.57 8.05 1.23
N LEU A 14 7.26 7.71 1.15
CA LEU A 14 6.70 6.49 1.89
C LEU A 14 7.46 5.19 1.50
N LEU A 15 7.66 4.92 0.19
CA LEU A 15 8.37 3.65 -0.23
C LEU A 15 9.85 3.66 0.24
N LYS A 16 10.55 4.81 0.15
CA LYS A 16 12.01 4.91 0.53
C LYS A 16 12.20 4.71 2.07
N SER A 17 11.14 4.93 2.88
CA SER A 17 11.22 4.72 4.37
C SER A 17 11.36 3.25 4.75
N VAL A 18 11.02 2.32 3.83
CA VAL A 18 11.26 0.84 4.03
C VAL A 18 12.24 0.26 2.97
N GLY A 19 13.30 1.00 2.59
CA GLY A 19 14.46 0.42 1.84
C GLY A 19 14.52 0.63 0.32
N ALA A 20 13.48 1.23 -0.30
CA ALA A 20 13.44 1.38 -1.79
C ALA A 20 14.56 2.36 -2.29
N GLN A 21 15.19 2.08 -3.46
CA GLN A 21 16.44 2.81 -3.94
C GLN A 21 16.26 3.52 -5.31
N LYS A 22 15.06 3.47 -5.92
CA LYS A 22 14.83 3.89 -7.36
C LYS A 22 13.79 5.02 -7.46
N ASP A 23 13.66 5.63 -8.66
CA ASP A 23 12.61 6.68 -9.05
C ASP A 23 11.37 6.06 -9.74
N THR A 24 11.49 4.85 -10.35
CA THR A 24 10.39 4.09 -11.11
C THR A 24 10.39 2.60 -10.70
N TYR A 25 9.20 1.96 -10.78
CA TYR A 25 8.90 0.62 -10.18
C TYR A 25 7.91 -0.17 -11.09
N THR A 26 7.96 -1.54 -11.08
CA THR A 26 6.82 -2.42 -11.55
C THR A 26 5.70 -2.33 -10.50
N MET A 27 4.45 -2.61 -10.90
N MET A 27 4.46 -2.62 -10.90
CA MET A 27 3.32 -2.61 -9.93
CA MET A 27 3.32 -2.64 -9.96
C MET A 27 3.51 -3.71 -8.87
C MET A 27 3.53 -3.70 -8.87
N LYS A 28 4.13 -4.86 -9.21
CA LYS A 28 4.47 -5.91 -8.16
C LYS A 28 5.45 -5.29 -7.11
N GLU A 29 6.42 -4.49 -7.55
CA GLU A 29 7.40 -3.78 -6.58
C GLU A 29 6.65 -2.73 -5.72
N VAL A 30 5.74 -1.91 -6.31
CA VAL A 30 4.93 -0.89 -5.52
C VAL A 30 4.15 -1.62 -4.39
N LEU A 31 3.50 -2.75 -4.70
CA LEU A 31 2.67 -3.55 -3.75
C LEU A 31 3.57 -4.19 -2.66
N PHE A 32 4.79 -4.67 -3.01
CA PHE A 32 5.85 -5.22 -2.04
C PHE A 32 6.15 -4.18 -0.95
N TYR A 33 6.62 -2.98 -1.34
CA TYR A 33 7.08 -1.95 -0.32
C TYR A 33 5.87 -1.43 0.49
N LEU A 34 4.70 -1.16 -0.14
CA LEU A 34 3.45 -0.71 0.60
C LEU A 34 3.02 -1.76 1.65
N GLY A 35 3.09 -3.06 1.32
CA GLY A 35 2.76 -4.12 2.30
C GLY A 35 3.71 -4.18 3.50
N GLN A 36 5.01 -4.01 3.23
CA GLN A 36 6.06 -4.00 4.29
C GLN A 36 5.86 -2.77 5.24
N TYR A 37 5.46 -1.62 4.67
CA TYR A 37 5.13 -0.33 5.41
C TYR A 37 3.96 -0.56 6.40
N ILE A 38 2.84 -1.13 5.90
CA ILE A 38 1.63 -1.43 6.71
C ILE A 38 1.96 -2.43 7.86
N MET A 39 2.81 -3.42 7.61
CA MET A 39 3.08 -4.38 8.67
CA MET A 39 3.19 -4.44 8.62
C MET A 39 4.10 -3.84 9.72
N THR A 40 5.10 -3.03 9.33
N THR A 40 5.13 -3.06 9.33
CA THR A 40 6.12 -2.53 10.31
CA THR A 40 6.10 -2.52 10.32
C THR A 40 5.55 -1.42 11.22
C THR A 40 5.41 -1.54 11.28
N LYS A 41 4.54 -0.67 10.72
CA LYS A 41 3.81 0.37 11.50
C LYS A 41 2.54 -0.15 12.21
N ARG A 42 2.25 -1.46 12.08
CA ARG A 42 1.10 -2.24 12.70
C ARG A 42 -0.25 -1.51 12.54
N LEU A 43 -0.54 -1.09 11.30
CA LEU A 43 -1.82 -0.39 10.96
C LEU A 43 -2.98 -1.38 10.74
N TYR A 44 -2.68 -2.67 10.51
CA TYR A 44 -3.73 -3.71 10.38
C TYR A 44 -4.32 -4.05 11.77
N ASP A 45 -5.60 -4.42 11.78
CA ASP A 45 -6.32 -4.83 12.99
C ASP A 45 -5.88 -6.24 13.38
N GLU A 46 -5.46 -6.41 14.65
CA GLU A 46 -4.87 -7.65 15.14
CA GLU A 46 -4.87 -7.65 15.13
C GLU A 46 -5.90 -8.80 15.09
N LYS A 47 -7.18 -8.47 15.29
CA LYS A 47 -8.23 -9.49 15.36
C LYS A 47 -8.84 -9.83 13.98
N GLN A 48 -9.19 -8.82 13.19
CA GLN A 48 -9.78 -8.94 11.84
C GLN A 48 -8.80 -8.37 10.80
N GLN A 49 -7.91 -9.21 10.25
CA GLN A 49 -6.60 -8.73 9.66
C GLN A 49 -6.75 -8.25 8.19
N HIS A 50 -7.96 -8.31 7.58
CA HIS A 50 -8.27 -7.64 6.25
C HIS A 50 -8.57 -6.13 6.41
N ILE A 51 -8.81 -5.64 7.66
CA ILE A 51 -9.09 -4.17 7.94
C ILE A 51 -7.77 -3.41 8.27
N VAL A 52 -7.53 -2.31 7.53
CA VAL A 52 -6.44 -1.33 7.78
C VAL A 52 -7.03 0.01 8.31
N TYR A 53 -6.56 0.45 9.50
CA TYR A 53 -6.91 1.75 10.19
C TYR A 53 -5.77 2.80 9.98
N CYS A 54 -6.03 3.89 9.21
CA CYS A 54 -4.97 4.87 8.72
C CYS A 54 -5.28 6.37 8.99
N SER A 55 -6.21 6.68 9.90
N SER A 55 -6.16 6.69 9.95
CA SER A 55 -6.63 8.09 10.21
CA SER A 55 -6.66 8.08 10.21
C SER A 55 -5.46 8.95 10.68
C SER A 55 -5.63 8.95 10.96
N ASN A 56 -4.53 8.37 11.44
CA ASN A 56 -3.40 9.12 12.11
C ASN A 56 -2.05 8.88 11.42
N ASP A 57 -2.07 8.50 10.13
CA ASP A 57 -0.89 8.16 9.30
C ASP A 57 -0.94 8.97 8.00
N LEU A 58 0.26 9.27 7.44
CA LEU A 58 0.38 9.87 6.06
C LEU A 58 -0.43 9.05 5.03
N LEU A 59 -0.47 7.71 5.16
CA LEU A 59 -1.24 6.83 4.16
C LEU A 59 -2.71 7.29 4.02
N GLY A 60 -3.34 7.67 5.15
CA GLY A 60 -4.74 8.18 5.13
C GLY A 60 -4.90 9.53 4.41
N ASP A 61 -3.91 10.42 4.54
CA ASP A 61 -3.91 11.72 3.78
C ASP A 61 -3.79 11.43 2.26
N LEU A 62 -2.92 10.49 1.84
CA LEU A 62 -2.71 10.18 0.40
C LEU A 62 -3.92 9.50 -0.25
N PHE A 63 -4.56 8.57 0.47
CA PHE A 63 -5.70 7.75 -0.07
C PHE A 63 -7.07 8.46 0.12
N GLY A 64 -7.17 9.44 1.05
CA GLY A 64 -8.42 10.20 1.35
C GLY A 64 -9.48 9.43 2.14
N VAL A 65 -9.06 8.48 3.00
CA VAL A 65 -9.97 7.61 3.84
C VAL A 65 -9.43 7.46 5.28
N PRO A 66 -10.31 7.22 6.30
CA PRO A 66 -9.89 6.80 7.65
C PRO A 66 -9.56 5.30 7.83
N SER A 67 -10.06 4.45 6.91
CA SER A 67 -9.89 2.92 6.87
C SER A 67 -10.34 2.37 5.50
N PHE A 68 -9.90 1.14 5.17
CA PHE A 68 -10.23 0.34 3.92
C PHE A 68 -10.04 -1.17 4.19
N SER A 69 -10.68 -2.03 3.36
CA SER A 69 -10.57 -3.55 3.35
C SER A 69 -9.67 -4.04 2.20
N VAL A 70 -8.75 -4.96 2.50
CA VAL A 70 -7.81 -5.62 1.53
C VAL A 70 -8.59 -6.45 0.49
N LYS A 71 -9.83 -6.87 0.80
CA LYS A 71 -10.72 -7.61 -0.17
C LYS A 71 -11.13 -6.76 -1.39
N GLU A 72 -11.11 -5.42 -1.27
CA GLU A 72 -11.65 -4.47 -2.32
C GLU A 72 -10.55 -4.13 -3.33
N HIS A 73 -10.23 -5.10 -4.22
CA HIS A 73 -9.05 -5.01 -5.11
C HIS A 73 -9.13 -3.80 -6.08
N ARG A 74 -10.27 -3.61 -6.77
CA ARG A 74 -10.41 -2.45 -7.73
C ARG A 74 -10.23 -1.09 -6.99
N LYS A 75 -10.83 -0.91 -5.81
CA LYS A 75 -10.70 0.37 -5.03
C LYS A 75 -9.23 0.68 -4.69
N ILE A 76 -8.48 -0.32 -4.18
CA ILE A 76 -7.02 -0.12 -3.84
C ILE A 76 -6.17 0.26 -5.09
N TYR A 77 -6.37 -0.39 -6.26
CA TYR A 77 -5.61 -0.02 -7.52
C TYR A 77 -5.97 1.44 -7.93
N THR A 78 -7.25 1.84 -7.78
CA THR A 78 -7.69 3.25 -8.09
C THR A 78 -7.01 4.30 -7.17
N MET A 79 -6.93 4.03 -5.86
CA MET A 79 -6.25 4.93 -4.84
C MET A 79 -4.74 5.09 -5.19
N ILE A 80 -4.06 3.98 -5.58
CA ILE A 80 -2.65 4.03 -6.05
C ILE A 80 -2.50 4.92 -7.32
N TYR A 81 -3.36 4.73 -8.34
CA TYR A 81 -3.32 5.47 -9.65
C TYR A 81 -3.43 6.99 -9.44
N ARG A 82 -4.22 7.45 -8.45
CA ARG A 82 -4.39 8.95 -8.17
C ARG A 82 -3.04 9.55 -7.71
N ASN A 83 -2.12 8.69 -7.23
CA ASN A 83 -0.76 9.02 -6.65
C ASN A 83 0.39 8.69 -7.63
N LEU A 84 0.10 8.44 -8.93
CA LEU A 84 1.17 8.27 -9.98
C LEU A 84 1.25 9.48 -10.94
N VAL A 85 2.44 9.73 -11.51
CA VAL A 85 2.63 10.84 -12.50
C VAL A 85 2.00 10.45 -13.86
N VAL A 86 1.15 11.36 -14.41
CA VAL A 86 0.28 11.18 -15.61
C VAL A 86 1.19 11.06 -16.83
N LEU B 1 1.12 -14.55 8.23
CA LEU B 1 -0.07 -14.31 9.10
C LEU B 1 -1.29 -14.02 8.21
N THR B 2 -2.44 -13.64 8.78
CA THR B 2 -3.68 -13.50 8.01
C THR B 2 -3.61 -12.24 7.11
N PHE B 3 -3.10 -11.10 7.63
CA PHE B 3 -2.82 -9.87 6.78
C PHE B 3 -1.96 -10.25 5.55
N GLU B 4 -0.87 -10.99 5.74
CA GLU B 4 0.05 -11.32 4.57
C GLU B 4 -0.67 -12.19 3.52
N GLN B 5 -1.56 -13.10 3.96
CA GLN B 5 -2.34 -13.97 3.02
C GLN B 5 -3.38 -13.17 2.20
N TYR B 6 -4.11 -12.21 2.83
CA TYR B 6 -5.05 -11.28 2.08
C TYR B 6 -4.26 -10.40 1.08
N TRP B 7 -3.11 -9.84 1.49
CA TRP B 7 -2.24 -8.95 0.63
C TRP B 7 -1.68 -9.75 -0.57
N ALA B 8 -1.38 -11.04 -0.40
CA ALA B 8 -0.90 -11.89 -1.56
C ALA B 8 -1.95 -12.01 -2.69
N GLN B 9 -3.24 -11.94 -2.34
CA GLN B 9 -4.30 -12.00 -3.32
C GLN B 9 -4.27 -10.78 -4.25
N LEU B 10 -3.93 -9.56 -3.75
CA LEU B 10 -3.78 -8.33 -4.62
C LEU B 10 -2.70 -8.54 -5.68
N GLU B 11 -1.61 -9.19 -5.23
CA GLU B 11 -0.43 -9.47 -6.06
C GLU B 11 -0.84 -10.27 -7.33
N SER B 12 -1.77 -11.21 -7.15
CA SER B 12 -2.32 -12.03 -8.24
C SER B 12 -2.96 -11.17 -9.35
N ALA B 13 -3.59 -10.04 -8.97
CA ALA B 13 -4.23 -9.14 -9.95
C ALA B 13 -3.23 -8.30 -10.79
N ALA B 14 -1.92 -8.32 -10.46
CA ALA B 14 -0.82 -7.66 -11.25
C ALA B 14 -0.24 -8.65 -12.28
#